data_3NNA
#
_entry.id   3NNA
#
_cell.length_a   47.367
_cell.length_b   70.061
_cell.length_c   131.706
_cell.angle_alpha   90.00
_cell.angle_beta   90.00
_cell.angle_gamma   90.00
#
_symmetry.space_group_name_H-M   'I 2 2 2'
#
loop_
_entity.id
_entity.type
_entity.pdbx_description
1 polymer 'CUGBP Elav-like family member 1'
2 polymer "RNA (5'-R(*GP*UP*UP*GP*UP*UP*UP*UP*GP*UP*UP*U)-3')"
3 water water
#
loop_
_entity_poly.entity_id
_entity_poly.type
_entity_poly.pdbx_seq_one_letter_code
_entity_poly.pdbx_strand_id
1 'polypeptide(L)'
;SDAIK(MSE)FVGQVPRTWSEKDLRELFEQYGAVYEINVLRDRSQNPPQSKGCCFVTFYTRKAALEAQNALHN(MSE)KV
LPG(MSE)HHPIQ(MSE)KPADSEKNNAVEDRKLFIG(MSE)ISKKCTENDIRV(MSE)FSSFGQIEECRILRGPDGLSR
GCAFVTFTTRA(MSE)AQTAIKA(MSE)HQAQT(MSE)EGCSSP(MSE)VVKFAD
;
A
2 'polyribonucleotide' GUUGUUUUGUUU B
#
# COMPACT_ATOMS: atom_id res chain seq x y z
N SER A 1 3.27 -9.71 17.41
CA SER A 1 2.62 -8.36 17.44
C SER A 1 1.10 -8.45 17.35
N ASP A 2 0.46 -7.42 16.82
CA ASP A 2 -1.02 -7.39 16.66
C ASP A 2 -1.44 -8.26 15.46
N ALA A 3 -2.73 -8.55 15.31
CA ALA A 3 -3.18 -9.53 14.31
C ALA A 3 -2.93 -9.04 12.90
N ILE A 4 -2.62 -9.95 11.99
CA ILE A 4 -2.38 -9.55 10.61
C ILE A 4 -2.79 -10.65 9.62
N LYS A 5 -3.39 -10.22 8.52
CA LYS A 5 -3.84 -11.13 7.48
C LYS A 5 -2.80 -11.15 6.37
N PHE A 7 -1.55 -12.79 2.63
CA PHE A 7 -1.92 -13.42 1.35
C PHE A 7 -0.86 -14.44 0.98
N VAL A 8 -1.31 -15.64 0.60
CA VAL A 8 -0.42 -16.73 0.27
C VAL A 8 -0.73 -17.32 -1.10
N GLY A 9 0.27 -17.34 -1.97
CA GLY A 9 0.15 -17.93 -3.32
C GLY A 9 0.92 -19.24 -3.44
N GLN A 10 0.73 -19.92 -4.57
CA GLN A 10 1.34 -21.22 -4.85
C GLN A 10 0.86 -22.26 -3.85
N VAL A 11 -0.42 -22.15 -3.51
CA VAL A 11 -1.14 -23.17 -2.76
C VAL A 11 -1.90 -24.08 -3.72
N PRO A 12 -1.69 -25.39 -3.62
CA PRO A 12 -2.40 -26.28 -4.52
C PRO A 12 -3.92 -26.07 -4.49
N ARG A 13 -4.52 -26.06 -5.68
CA ARG A 13 -5.96 -25.87 -5.80
C ARG A 13 -6.75 -26.93 -5.05
N THR A 14 -6.15 -28.10 -4.85
CA THR A 14 -6.82 -29.18 -4.13
C THR A 14 -6.77 -29.02 -2.61
N TRP A 15 -6.01 -28.05 -2.11
CA TRP A 15 -5.92 -27.88 -0.66
C TRP A 15 -7.12 -27.11 -0.10
N SER A 16 -7.59 -27.53 1.06
CA SER A 16 -8.65 -26.78 1.70
C SER A 16 -8.12 -26.10 2.94
N GLU A 17 -9.02 -25.38 3.58
CA GLU A 17 -8.71 -24.61 4.77
C GLU A 17 -8.10 -25.53 5.83
N LYS A 18 -8.59 -26.76 5.92
CA LYS A 18 -8.08 -27.67 6.94
C LYS A 18 -6.60 -27.98 6.71
N ASP A 19 -6.24 -28.25 5.46
CA ASP A 19 -4.84 -28.49 5.10
C ASP A 19 -3.97 -27.27 5.41
N LEU A 20 -4.50 -26.09 5.12
CA LEU A 20 -3.73 -24.87 5.33
C LEU A 20 -3.52 -24.54 6.82
N ARG A 21 -4.57 -24.70 7.62
CA ARG A 21 -4.46 -24.50 9.06
C ARG A 21 -3.32 -25.32 9.65
N GLU A 22 -3.28 -26.61 9.31
CA GLU A 22 -2.22 -27.51 9.74
C GLU A 22 -0.82 -27.03 9.36
N LEU A 23 -0.66 -26.56 8.12
CA LEU A 23 0.62 -26.02 7.69
C LEU A 23 1.03 -24.80 8.53
N PHE A 24 0.12 -23.84 8.65
CA PHE A 24 0.48 -22.56 9.26
C PHE A 24 0.62 -22.64 10.78
N GLU A 25 -0.13 -23.54 11.41
CA GLU A 25 -0.10 -23.65 12.86
C GLU A 25 1.25 -24.18 13.37
N GLN A 26 2.08 -24.68 12.47
CA GLN A 26 3.42 -25.05 12.84
C GLN A 26 4.20 -23.86 13.27
N TYR A 27 3.81 -22.68 12.83
CA TYR A 27 4.62 -21.48 13.06
C TYR A 27 4.00 -20.55 14.08
N GLY A 28 2.67 -20.60 14.19
CA GLY A 28 1.95 -19.75 15.14
C GLY A 28 0.46 -20.03 15.13
N ALA A 29 -0.23 -19.50 16.13
CA ALA A 29 -1.68 -19.68 16.25
C ALA A 29 -2.42 -18.94 15.14
N VAL A 30 -3.16 -19.68 14.33
CA VAL A 30 -3.92 -19.09 13.23
C VAL A 30 -5.33 -18.71 13.69
N TYR A 31 -5.76 -17.51 13.31
CA TYR A 31 -7.08 -17.02 13.68
C TYR A 31 -8.16 -17.65 12.79
N GLU A 32 -7.91 -17.67 11.48
CA GLU A 32 -8.86 -18.24 10.53
C GLU A 32 -8.30 -18.20 9.11
N ILE A 33 -8.56 -19.26 8.36
CA ILE A 33 -8.08 -19.36 6.98
C ILE A 33 -9.22 -19.16 6.00
N ASN A 34 -8.91 -18.53 4.86
CA ASN A 34 -9.92 -18.26 3.83
C ASN A 34 -9.29 -18.53 2.47
N VAL A 35 -9.62 -19.66 1.85
CA VAL A 35 -9.15 -19.95 0.48
C VAL A 35 -9.93 -19.07 -0.49
N LEU A 36 -9.24 -18.36 -1.38
CA LEU A 36 -9.91 -17.52 -2.36
C LEU A 36 -10.57 -18.42 -3.40
N ARG A 37 -11.85 -18.19 -3.67
CA ARG A 37 -12.58 -19.04 -4.60
C ARG A 37 -13.11 -18.30 -5.82
N ASP A 38 -13.29 -19.08 -6.88
CA ASP A 38 -13.85 -18.69 -8.17
C ASP A 38 -15.21 -19.40 -8.29
N ARG A 39 -16.29 -18.61 -8.32
CA ARG A 39 -17.65 -19.12 -8.49
C ARG A 39 -18.26 -18.80 -9.87
N SER A 40 -17.42 -18.65 -10.88
CA SER A 40 -17.90 -18.31 -12.21
C SER A 40 -18.73 -19.41 -12.82
N GLN A 41 -18.42 -20.66 -12.48
CA GLN A 41 -19.24 -21.79 -12.90
C GLN A 41 -19.30 -22.83 -11.80
N ASN A 42 -20.07 -23.89 -12.03
CA ASN A 42 -20.19 -24.99 -11.08
C ASN A 42 -19.13 -26.06 -11.28
N PRO A 43 -18.40 -26.45 -10.22
CA PRO A 43 -18.48 -25.99 -8.84
C PRO A 43 -17.53 -24.83 -8.51
N PRO A 44 -17.71 -24.19 -7.34
CA PRO A 44 -16.74 -23.21 -6.90
C PRO A 44 -15.38 -23.89 -6.81
N GLN A 45 -14.32 -23.15 -7.11
CA GLN A 45 -13.00 -23.74 -7.18
C GLN A 45 -11.99 -22.84 -6.51
N SER A 46 -11.02 -23.44 -5.84
CA SER A 46 -9.87 -22.70 -5.34
C SER A 46 -9.09 -21.95 -6.42
N LYS A 47 -8.70 -20.73 -6.11
CA LYS A 47 -7.84 -19.93 -6.97
C LYS A 47 -6.37 -20.17 -6.72
N GLY A 48 -6.07 -21.12 -5.83
CA GLY A 48 -4.67 -21.54 -5.64
C GLY A 48 -3.95 -20.56 -4.72
N CYS A 49 -4.72 -19.89 -3.87
CA CYS A 49 -4.18 -18.94 -2.91
C CYS A 49 -5.14 -18.79 -1.73
N CYS A 50 -4.65 -18.28 -0.62
CA CYS A 50 -5.51 -18.17 0.56
C CYS A 50 -5.14 -16.95 1.38
N PHE A 51 -6.00 -16.60 2.33
CA PHE A 51 -5.65 -15.63 3.35
C PHE A 51 -5.50 -16.41 4.65
N VAL A 52 -4.44 -16.12 5.39
CA VAL A 52 -4.30 -16.65 6.74
C VAL A 52 -4.10 -15.47 7.69
N THR A 53 -4.93 -15.41 8.72
CA THR A 53 -4.82 -14.35 9.70
C THR A 53 -4.20 -14.97 10.95
N PHE A 54 -3.05 -14.45 11.33
CA PHE A 54 -2.38 -14.86 12.56
C PHE A 54 -2.77 -13.92 13.69
N TYR A 55 -2.80 -14.40 14.93
CA TYR A 55 -3.07 -13.53 16.08
C TYR A 55 -1.98 -12.48 16.28
N THR A 56 -0.74 -12.78 15.92
CA THR A 56 0.34 -11.84 16.15
C THR A 56 1.20 -11.65 14.92
N ARG A 57 1.84 -10.49 14.84
CA ARG A 57 2.76 -10.23 13.73
C ARG A 57 3.97 -11.14 13.84
N LYS A 58 4.36 -11.43 15.07
CA LYS A 58 5.52 -12.30 15.26
C LYS A 58 5.27 -13.63 14.56
N ALA A 59 4.08 -14.19 14.77
CA ALA A 59 3.75 -15.48 14.17
C ALA A 59 3.79 -15.39 12.65
N ALA A 60 3.20 -14.33 12.11
CA ALA A 60 3.17 -14.14 10.67
C ALA A 60 4.59 -14.08 10.11
N LEU A 61 5.47 -13.37 10.81
CA LEU A 61 6.83 -13.19 10.32
C LEU A 61 7.58 -14.51 10.36
N GLU A 62 7.36 -15.28 11.42
CA GLU A 62 8.04 -16.55 11.51
C GLU A 62 7.54 -17.52 10.43
N ALA A 63 6.25 -17.49 10.13
CA ALA A 63 5.75 -18.32 9.04
C ALA A 63 6.38 -17.86 7.73
N GLN A 64 6.42 -16.55 7.53
CA GLN A 64 6.98 -15.99 6.30
C GLN A 64 8.45 -16.42 6.14
N ASN A 65 9.24 -16.23 7.19
CA ASN A 65 10.63 -16.64 7.13
C ASN A 65 10.79 -18.12 6.83
N ALA A 66 9.93 -18.96 7.39
CA ALA A 66 10.02 -20.40 7.17
C ALA A 66 9.57 -20.84 5.77
N LEU A 67 8.59 -20.14 5.21
CA LEU A 67 7.87 -20.62 4.03
C LEU A 67 8.11 -19.85 2.74
N HIS A 68 8.12 -18.53 2.83
CA HIS A 68 8.16 -17.69 1.63
C HIS A 68 9.43 -17.97 0.83
N ASN A 69 9.25 -18.33 -0.44
CA ASN A 69 10.35 -18.63 -1.33
C ASN A 69 11.17 -19.82 -0.85
N LYS A 71 9.40 -23.11 0.84
CA LYS A 71 8.69 -24.37 0.79
C LYS A 71 7.86 -24.52 -0.49
N VAL A 72 8.07 -25.64 -1.17
CA VAL A 72 7.30 -25.96 -2.37
C VAL A 72 6.27 -27.00 -1.97
N LEU A 73 5.00 -26.63 -2.03
CA LEU A 73 3.91 -27.54 -1.69
C LEU A 73 3.73 -28.58 -2.81
N PRO A 74 3.11 -29.72 -2.49
CA PRO A 74 2.96 -30.82 -3.45
C PRO A 74 2.33 -30.42 -4.77
N GLY A 75 3.00 -30.81 -5.86
CA GLY A 75 2.55 -30.52 -7.21
C GLY A 75 2.93 -29.14 -7.72
N HIS A 77 5.30 -25.90 -8.79
CA HIS A 77 6.60 -25.77 -9.42
C HIS A 77 7.29 -24.51 -8.95
N HIS A 78 6.68 -23.85 -7.97
CA HIS A 78 7.25 -22.66 -7.36
C HIS A 78 6.90 -22.66 -5.89
N PRO A 79 7.76 -22.05 -5.05
CA PRO A 79 7.57 -22.02 -3.62
C PRO A 79 6.48 -21.05 -3.23
N ILE A 80 5.94 -21.28 -2.03
CA ILE A 80 4.97 -20.40 -1.43
C ILE A 80 5.41 -18.95 -1.50
N GLN A 81 4.46 -18.07 -1.78
CA GLN A 81 4.70 -16.65 -1.74
C GLN A 81 3.76 -16.09 -0.70
N LYS A 83 2.78 -12.61 1.79
CA LYS A 83 2.95 -11.18 2.05
C LYS A 83 1.68 -10.63 2.65
N PRO A 84 1.75 -9.46 3.28
CA PRO A 84 0.54 -8.93 3.88
C PRO A 84 -0.55 -8.73 2.84
N ALA A 85 -1.78 -9.05 3.21
CA ALA A 85 -2.93 -8.94 2.32
C ALA A 85 -3.18 -7.48 1.94
N ASP A 86 -3.78 -7.30 0.77
CA ASP A 86 -4.09 -5.95 0.30
C ASP A 86 -5.06 -5.28 1.27
N SER A 87 -5.98 -6.05 1.84
CA SER A 87 -6.96 -5.48 2.76
C SER A 87 -6.30 -4.85 3.99
N GLU A 88 -5.03 -5.16 4.23
CA GLU A 88 -4.35 -4.69 5.44
C GLU A 88 -3.67 -3.36 5.19
N LYS A 89 -3.57 -3.00 3.91
CA LYS A 89 -2.92 -1.76 3.54
C LYS A 89 -3.69 -0.63 4.20
N ASN A 90 -2.97 0.23 4.85
CA ASN A 90 -3.62 1.22 5.63
C ASN A 90 -3.49 2.65 5.11
N ASN A 91 -2.37 3.29 5.39
CA ASN A 91 -2.13 4.64 4.89
C ASN A 91 -1.78 4.63 3.43
N ALA A 92 -2.67 4.11 2.61
CA ALA A 92 -2.29 4.14 1.21
C ALA A 92 -1.63 5.51 0.98
N VAL A 93 -0.50 5.48 0.33
CA VAL A 93 0.13 6.75 0.01
C VAL A 93 -0.84 7.59 -0.83
N GLU A 94 -1.53 6.93 -1.75
CA GLU A 94 -2.46 7.58 -2.68
C GLU A 94 -3.45 8.51 -1.98
N ASP A 95 -3.80 8.16 -0.73
CA ASP A 95 -4.78 8.94 0.00
C ASP A 95 -4.10 9.82 1.06
N ARG A 96 -2.81 10.07 0.86
CA ARG A 96 -2.06 10.95 1.75
C ARG A 96 -1.33 11.99 0.92
N LYS A 97 -1.50 11.93 -0.39
CA LYS A 97 -0.65 12.68 -1.28
C LYS A 97 -1.41 13.82 -1.94
N LEU A 98 -0.80 14.98 -2.00
CA LEU A 98 -1.41 16.17 -2.59
C LEU A 98 -0.80 16.50 -3.94
N PHE A 99 -1.67 16.89 -4.87
CA PHE A 99 -1.25 17.60 -6.04
C PHE A 99 -1.23 19.10 -5.75
N ILE A 100 -0.10 19.73 -6.04
CA ILE A 100 0.04 21.17 -5.89
C ILE A 100 0.20 21.73 -7.29
N GLY A 101 -0.77 22.52 -7.73
CA GLY A 101 -0.72 23.13 -9.04
C GLY A 101 -0.48 24.63 -8.93
N ILE A 103 2.18 26.47 -9.16
CA ILE A 103 3.35 26.98 -8.46
C ILE A 103 4.30 27.56 -9.48
N SER A 104 5.15 28.47 -9.04
CA SER A 104 6.14 29.10 -9.90
C SER A 104 7.05 28.03 -10.48
N LYS A 105 7.47 28.23 -11.73
CA LYS A 105 8.38 27.28 -12.35
C LYS A 105 9.77 27.34 -11.69
N LYS A 106 10.04 28.41 -10.96
CA LYS A 106 11.33 28.54 -10.30
C LYS A 106 11.35 27.72 -9.03
N CYS A 107 10.18 27.33 -8.56
CA CYS A 107 10.04 26.63 -7.29
C CYS A 107 10.81 25.33 -7.23
N THR A 108 11.49 25.18 -6.11
CA THR A 108 12.35 24.05 -5.87
C THR A 108 11.65 23.04 -4.98
N GLU A 109 12.11 21.80 -4.98
CA GLU A 109 11.58 20.86 -4.01
C GLU A 109 11.67 21.44 -2.60
N ASN A 110 12.74 22.18 -2.31
CA ASN A 110 12.93 22.73 -0.96
C ASN A 110 11.90 23.81 -0.63
N ASP A 111 11.71 24.72 -1.58
CA ASP A 111 10.68 25.74 -1.49
C ASP A 111 9.33 25.15 -1.11
N ILE A 112 8.90 24.12 -1.83
CA ILE A 112 7.61 23.52 -1.53
C ILE A 112 7.64 22.92 -0.14
N ARG A 113 8.69 22.16 0.18
CA ARG A 113 8.82 21.57 1.52
C ARG A 113 8.60 22.62 2.60
N VAL A 114 9.28 23.74 2.44
CA VAL A 114 9.20 24.83 3.40
C VAL A 114 7.82 25.45 3.49
N PHE A 116 5.01 24.00 3.05
CA PHE A 116 4.00 23.07 3.55
C PHE A 116 4.41 22.35 4.81
N SER A 117 5.58 22.66 5.34
CA SER A 117 6.09 21.99 6.52
C SER A 117 5.30 22.28 7.81
N SER A 118 4.69 23.45 7.89
CA SER A 118 3.96 23.80 9.11
C SER A 118 2.75 22.88 9.33
N PHE A 119 2.32 22.16 8.30
CA PHE A 119 1.10 21.34 8.42
C PHE A 119 1.33 19.88 8.81
N GLY A 120 2.59 19.46 8.85
CA GLY A 120 2.91 18.09 9.23
C GLY A 120 4.23 17.62 8.65
N GLN A 121 4.57 16.36 8.89
CA GLN A 121 5.80 15.81 8.33
C GLN A 121 5.61 15.37 6.89
N ILE A 122 6.55 15.78 6.05
CA ILE A 122 6.50 15.50 4.63
C ILE A 122 7.40 14.33 4.25
N GLU A 123 6.77 13.20 3.96
CA GLU A 123 7.48 11.97 3.62
C GLU A 123 8.10 12.04 2.23
N GLU A 124 7.57 12.87 1.35
CA GLU A 124 8.09 13.00 0.00
C GLU A 124 7.55 14.25 -0.71
N CYS A 125 8.37 14.85 -1.55
CA CYS A 125 7.98 16.02 -2.30
C CYS A 125 8.73 16.04 -3.58
N ARG A 126 8.01 16.12 -4.67
CA ARG A 126 8.61 16.03 -5.96
C ARG A 126 8.03 17.07 -6.90
N ILE A 127 8.85 17.86 -7.54
CA ILE A 127 8.40 18.74 -8.58
C ILE A 127 8.33 17.96 -9.87
N LEU A 128 7.21 18.04 -10.58
CA LEU A 128 7.12 17.47 -11.90
C LEU A 128 7.92 18.29 -12.87
N ARG A 129 8.78 17.64 -13.64
CA ARG A 129 9.63 18.36 -14.58
C ARG A 129 9.56 17.68 -15.94
N GLY A 130 9.75 18.48 -16.99
CA GLY A 130 9.81 17.96 -18.35
C GLY A 130 11.23 17.57 -18.71
N PRO A 131 11.46 17.24 -19.99
CA PRO A 131 12.74 16.70 -20.45
C PRO A 131 13.96 17.57 -20.15
N ASP A 132 13.81 18.88 -20.20
CA ASP A 132 14.96 19.76 -20.00
C ASP A 132 15.04 20.25 -18.56
N GLY A 133 14.41 19.51 -17.66
CA GLY A 133 14.44 19.81 -16.23
C GLY A 133 13.64 21.05 -15.90
N LEU A 134 12.95 21.61 -16.89
CA LEU A 134 12.08 22.74 -16.65
C LEU A 134 10.85 22.24 -15.90
N SER A 135 10.50 22.97 -14.84
CA SER A 135 9.35 22.65 -14.02
C SER A 135 8.07 22.68 -14.87
N ARG A 136 7.18 21.72 -14.64
CA ARG A 136 5.86 21.78 -15.26
C ARG A 136 4.90 22.60 -14.38
N GLY A 137 5.46 23.25 -13.37
CA GLY A 137 4.66 24.17 -12.54
C GLY A 137 3.71 23.46 -11.62
N CYS A 138 4.06 22.24 -11.22
CA CYS A 138 3.27 21.52 -10.24
C CYS A 138 4.13 20.54 -9.44
N ALA A 139 3.57 20.03 -8.35
CA ALA A 139 4.29 19.12 -7.45
C ALA A 139 3.36 18.10 -6.82
N PHE A 140 3.96 17.04 -6.29
CA PHE A 140 3.28 16.14 -5.38
C PHE A 140 3.89 16.24 -3.98
N VAL A 141 3.03 16.31 -2.98
CA VAL A 141 3.47 16.34 -1.59
C VAL A 141 2.78 15.23 -0.82
N THR A 142 3.57 14.34 -0.25
CA THR A 142 3.03 13.25 0.55
C THR A 142 3.28 13.57 2.01
N PHE A 143 2.21 13.68 2.78
CA PHE A 143 2.35 13.78 4.22
C PHE A 143 2.30 12.38 4.79
N THR A 144 2.52 12.25 6.09
CA THR A 144 2.57 10.95 6.73
C THR A 144 1.16 10.51 7.10
N THR A 145 0.30 11.48 7.33
CA THR A 145 -1.12 11.24 7.64
C THR A 145 -2.02 12.10 6.76
N ARG A 146 -3.00 11.49 6.10
CA ARG A 146 -3.96 12.23 5.28
C ARG A 146 -4.52 13.42 6.04
N ALA A 147 -4.71 13.26 7.34
CA ALA A 147 -5.21 14.34 8.19
C ALA A 147 -4.37 15.60 8.03
N ALA A 149 -2.78 16.26 5.37
CA ALA A 149 -2.98 16.64 3.97
C ALA A 149 -4.23 17.49 3.84
N GLN A 150 -5.31 17.03 4.48
CA GLN A 150 -6.56 17.78 4.50
C GLN A 150 -6.35 19.17 5.11
N THR A 151 -5.50 19.26 6.13
CA THR A 151 -5.24 20.53 6.79
C THR A 151 -4.48 21.52 5.89
N ALA A 152 -3.54 21.01 5.10
CA ALA A 152 -2.78 21.85 4.17
C ALA A 152 -3.69 22.38 3.07
N ILE A 153 -4.62 21.54 2.61
CA ILE A 153 -5.60 21.90 1.60
C ILE A 153 -6.45 23.09 2.05
N LYS A 154 -7.08 22.94 3.21
CA LYS A 154 -7.90 24.01 3.77
C LYS A 154 -7.13 25.31 3.89
N ALA A 155 -5.86 25.22 4.29
CA ALA A 155 -5.06 26.40 4.54
C ALA A 155 -4.44 27.02 3.28
N HIS A 157 -5.06 26.03 -0.35
CA HIS A 157 -5.68 26.03 -1.67
C HIS A 157 -6.11 27.44 -2.06
N GLN A 158 -5.64 27.86 -3.24
CA GLN A 158 -5.81 29.22 -3.77
C GLN A 158 -5.52 30.34 -2.77
N ALA A 159 -4.55 30.14 -1.88
CA ALA A 159 -4.29 31.16 -0.85
C ALA A 159 -3.46 32.31 -1.40
N GLN A 160 -2.71 32.05 -2.47
CA GLN A 160 -1.84 33.05 -3.07
C GLN A 160 -1.60 32.69 -4.54
N THR A 161 -1.12 33.66 -5.30
CA THR A 161 -0.67 33.39 -6.66
C THR A 161 0.84 33.58 -6.74
N GLU A 163 4.72 33.64 -8.81
CA GLU A 163 5.34 34.27 -9.98
C GLU A 163 5.03 33.53 -11.27
N GLY A 164 4.56 34.28 -12.27
CA GLY A 164 4.32 33.75 -13.60
C GLY A 164 3.04 32.94 -13.75
N CYS A 165 2.26 32.78 -12.69
CA CYS A 165 1.09 31.90 -12.74
C CYS A 165 -0.21 32.64 -13.03
N SER A 166 -1.07 32.05 -13.87
CA SER A 166 -2.29 32.71 -14.29
C SER A 166 -3.41 32.70 -13.25
N SER A 167 -3.30 31.82 -12.26
CA SER A 167 -4.31 31.66 -11.22
C SER A 167 -3.65 31.27 -9.89
N PRO A 168 -4.40 31.38 -8.78
CA PRO A 168 -3.84 31.00 -7.48
C PRO A 168 -3.44 29.52 -7.39
N VAL A 170 -3.07 25.72 -6.52
CA VAL A 170 -4.05 24.66 -6.42
C VAL A 170 -3.49 23.62 -5.46
N VAL A 171 -4.29 23.25 -4.47
CA VAL A 171 -3.86 22.27 -3.48
C VAL A 171 -5.01 21.31 -3.26
N LYS A 172 -4.82 20.06 -3.64
CA LYS A 172 -5.89 19.08 -3.64
C LYS A 172 -5.29 17.68 -3.55
N PHE A 173 -6.12 16.70 -3.20
CA PHE A 173 -5.68 15.30 -3.31
C PHE A 173 -5.35 14.90 -4.73
N ALA A 174 -4.22 14.22 -4.86
CA ALA A 174 -3.69 13.83 -6.14
C ALA A 174 -4.58 12.76 -6.76
N ASP A 175 -4.57 12.70 -8.08
CA ASP A 175 -5.24 11.66 -8.83
C ASP A 175 -4.55 10.32 -8.60
#